data_8VLT
#
_entry.id   8VLT
#
_cell.length_a   68.490
_cell.length_b   68.490
_cell.length_c   97.341
_cell.angle_alpha   90.000
_cell.angle_beta   90.000
_cell.angle_gamma   120.000
#
_symmetry.space_group_name_H-M   'P 31'
#
loop_
_entity.id
_entity.type
_entity.pdbx_description
1 polymer '2526 Fab Heavy Chain'
2 polymer '2526 Fab Light Chain'
3 non-polymer alpha-D-mannopyranose
4 water water
#
loop_
_entity_poly.entity_id
_entity_poly.type
_entity_poly.pdbx_seq_one_letter_code
_entity_poly.pdbx_strand_id
1 'polypeptide(L)'
;EVQLVQSGAEVKKPGESLKISCKTSGYSFTNHWIAWVRQMPGAGLEWMGMIYPHDSDTRYNPSFQGLVTISVDKSITTAY
LQWRSLKASDTAMYYCARPPFSGSYEGLDYWGQGTLVTVSSASTKGPSVFPLAPSSKSTSGGTAALGCLVKDYFPEPVTV
SWNSGALTSGVHTFPAVLQSSGLYSLSSVVTVPSSSLGTQTYICNVNHKPSNTKVDKKVEPK
;
H
2 'polypeptide(L)'
;DIVMTQSPLSLPVTPGEPASISCKSSHSLLHSNGNNYLNWFLQKPGRSPQLLIYLGSSRASGVPDRFSGSGSGTDFTLKI
SRVEAEDVGSYYCMQAIHIPSTFGQGTKVQITRTVAAPSVFIFPPSDEQLKSGTASVVCLLNNFYPREAKVQWKVDNALQ
SGNSQESVTEQDSKDSTYSLSSTLTLSKADYEKHKVYACEVTHQGLSSPVTKSFNRGEC
;
L
#
loop_
_chem_comp.id
_chem_comp.type
_chem_comp.name
_chem_comp.formula
MAN D-saccharide, alpha linking alpha-D-mannopyranose 'C6 H12 O6'
#
# COMPACT_ATOMS: atom_id res chain seq x y z
N GLU A 1 10.32 -21.63 10.45
CA GLU A 1 10.18 -20.39 9.69
C GLU A 1 9.95 -19.22 10.64
N VAL A 2 10.69 -18.12 10.43
CA VAL A 2 10.53 -16.96 11.29
C VAL A 2 9.20 -16.29 10.97
N GLN A 3 8.44 -15.98 12.02
CA GLN A 3 7.17 -15.27 11.89
C GLN A 3 7.11 -14.12 12.89
N LEU A 4 6.77 -12.93 12.40
CA LEU A 4 6.42 -11.80 13.25
C LEU A 4 4.97 -11.46 12.93
N VAL A 5 4.04 -11.85 13.80
CA VAL A 5 2.62 -11.73 13.51
C VAL A 5 2.06 -10.64 14.40
N GLN A 6 1.70 -9.53 13.79
CA GLN A 6 1.24 -8.37 14.55
C GLN A 6 -0.27 -8.39 14.73
N SER A 7 -0.73 -7.68 15.75
CA SER A 7 -2.15 -7.58 16.05
C SER A 7 -2.86 -6.73 14.99
N GLY A 8 -4.21 -6.81 15.00
CA GLY A 8 -5.00 -6.25 13.92
C GLY A 8 -5.15 -4.73 14.00
N ALA A 9 -5.74 -4.17 12.95
CA ALA A 9 -5.91 -2.73 12.84
C ALA A 9 -6.71 -2.18 14.03
N GLU A 10 -6.37 -0.95 14.45
CA GLU A 10 -6.94 -0.33 15.65
C GLU A 10 -7.52 1.04 15.31
N VAL A 11 -8.67 1.36 15.90
CA VAL A 11 -9.19 2.73 15.85
C VAL A 11 -9.44 3.15 17.28
N LYS A 12 -8.81 4.25 17.69
CA LYS A 12 -8.85 4.72 19.07
C LYS A 12 -9.17 6.20 19.11
N LYS A 13 -9.72 6.63 20.24
CA LYS A 13 -10.00 8.04 20.43
C LYS A 13 -8.74 8.78 20.88
N PRO A 14 -8.58 10.04 20.48
CA PRO A 14 -7.48 10.85 21.02
C PRO A 14 -7.52 10.85 22.54
N GLY A 15 -6.33 10.85 23.14
CA GLY A 15 -6.20 10.81 24.57
C GLY A 15 -6.14 9.42 25.17
N GLU A 16 -6.61 8.40 24.44
CA GLU A 16 -6.55 7.03 24.92
C GLU A 16 -5.13 6.46 24.84
N SER A 17 -4.86 5.51 25.73
CA SER A 17 -3.67 4.68 25.60
C SER A 17 -3.93 3.56 24.62
N LEU A 18 -2.85 2.92 24.19
CA LEU A 18 -2.97 1.82 23.24
C LEU A 18 -1.73 0.95 23.37
N LYS A 19 -1.91 -0.36 23.27
CA LYS A 19 -0.80 -1.31 23.23
C LYS A 19 -1.04 -2.26 22.07
N ILE A 20 -0.07 -2.36 21.16
CA ILE A 20 -0.18 -3.28 20.04
C ILE A 20 0.89 -4.35 20.22
N SER A 21 0.69 -5.49 19.58
CA SER A 21 1.49 -6.67 19.87
C SER A 21 2.19 -7.19 18.62
N CYS A 22 3.25 -7.94 18.87
CA CYS A 22 4.06 -8.56 17.81
C CYS A 22 4.41 -9.95 18.34
N LYS A 23 3.68 -10.96 17.87
CA LYS A 23 3.87 -12.35 18.28
C LYS A 23 4.90 -13.01 17.38
N THR A 24 6.00 -13.47 17.98
CA THR A 24 7.12 -14.06 17.24
C THR A 24 7.15 -15.58 17.44
N SER A 25 7.68 -16.26 16.44
CA SER A 25 7.87 -17.70 16.49
C SER A 25 8.94 -18.09 15.47
N GLY A 26 9.47 -19.30 15.63
CA GLY A 26 10.42 -19.82 14.68
C GLY A 26 11.87 -19.53 14.95
N TYR A 27 12.18 -18.95 16.11
CA TYR A 27 13.56 -18.62 16.43
C TYR A 27 13.67 -18.36 17.92
N SER A 28 14.91 -18.22 18.38
CA SER A 28 15.21 -17.96 19.80
C SER A 28 14.78 -16.55 20.18
N PHE A 29 13.63 -16.44 20.86
CA PHE A 29 13.03 -15.13 21.08
C PHE A 29 13.88 -14.25 21.97
N THR A 30 14.52 -14.84 22.99
CA THR A 30 15.09 -14.01 24.04
C THR A 30 16.35 -13.25 23.61
N ASN A 31 17.05 -13.68 22.55
CA ASN A 31 18.34 -13.08 22.21
C ASN A 31 18.32 -12.40 20.84
N HIS A 32 17.17 -11.90 20.42
CA HIS A 32 17.09 -11.08 19.22
C HIS A 32 16.37 -9.79 19.58
N TRP A 33 16.97 -8.66 19.26
CA TRP A 33 16.29 -7.38 19.42
C TRP A 33 14.98 -7.40 18.64
N ILE A 34 13.98 -6.65 19.13
CA ILE A 34 12.77 -6.38 18.37
C ILE A 34 12.67 -4.86 18.29
N ALA A 35 12.58 -4.33 17.07
CA ALA A 35 12.46 -2.90 16.84
C ALA A 35 11.06 -2.59 16.35
N TRP A 36 10.64 -1.34 16.55
CA TRP A 36 9.36 -0.82 16.11
C TRP A 36 9.63 0.35 15.17
N VAL A 37 8.90 0.39 14.06
CA VAL A 37 9.11 1.36 12.99
C VAL A 37 7.76 1.93 12.56
N ARG A 38 7.68 3.24 12.43
CA ARG A 38 6.48 3.93 11.94
C ARG A 38 6.59 4.23 10.45
N GLN A 39 5.47 4.06 9.74
CA GLN A 39 5.37 4.50 8.35
C GLN A 39 4.11 5.34 8.17
N MET A 40 4.27 6.65 8.02
CA MET A 40 3.13 7.50 7.72
C MET A 40 2.60 7.19 6.33
N PRO A 41 1.30 7.41 6.08
CA PRO A 41 0.70 6.98 4.80
C PRO A 41 1.44 7.55 3.60
N GLY A 42 1.89 6.65 2.71
CA GLY A 42 2.63 7.02 1.52
C GLY A 42 3.99 7.67 1.78
N ALA A 43 4.47 7.62 3.02
CA ALA A 43 5.72 8.26 3.40
C ALA A 43 6.83 7.23 3.60
N GLY A 44 7.91 7.63 4.26
CA GLY A 44 9.04 6.77 4.51
C GLY A 44 8.93 6.07 5.85
N LEU A 45 10.08 5.60 6.33
CA LEU A 45 10.17 4.76 7.51
C LEU A 45 10.92 5.50 8.62
N GLU A 46 10.38 5.47 9.84
CA GLU A 46 10.99 6.11 11.01
C GLU A 46 11.13 5.09 12.12
N TRP A 47 12.36 4.90 12.58
CA TRP A 47 12.70 3.95 13.64
C TRP A 47 12.33 4.54 15.00
N MET A 48 11.56 3.79 15.78
CA MET A 48 11.04 4.30 17.05
C MET A 48 11.86 3.88 18.26
N GLY A 49 12.40 2.68 18.24
CA GLY A 49 13.07 2.13 19.39
C GLY A 49 13.15 0.63 19.25
N MET A 50 13.76 0.01 20.25
CA MET A 50 13.93 -1.43 20.21
C MET A 50 14.16 -1.96 21.63
N ILE A 51 14.01 -3.27 21.77
CA ILE A 51 14.13 -3.96 23.06
C ILE A 51 14.83 -5.30 22.86
N TYR A 52 15.71 -5.64 23.80
CA TYR A 52 16.34 -6.94 23.86
C TYR A 52 15.56 -7.76 24.88
N PRO A 53 14.80 -8.79 24.48
CA PRO A 53 13.85 -9.40 25.43
C PRO A 53 14.51 -10.07 26.62
N HIS A 54 15.74 -10.60 26.46
CA HIS A 54 16.39 -11.31 27.56
C HIS A 54 16.35 -10.53 28.88
N ASP A 55 16.69 -9.26 28.83
CA ASP A 55 16.69 -8.43 30.04
C ASP A 55 15.89 -7.15 29.86
N SER A 56 15.01 -7.09 28.85
CA SER A 56 14.22 -5.90 28.54
C SER A 56 15.08 -4.65 28.43
N ASP A 57 16.31 -4.80 27.95
CA ASP A 57 17.13 -3.64 27.65
C ASP A 57 16.51 -2.91 26.46
N THR A 58 16.37 -1.58 26.57
CA THR A 58 15.72 -0.78 25.55
C THR A 58 16.64 0.32 25.05
N ARG A 59 16.39 0.75 23.81
CA ARG A 59 17.03 1.91 23.20
C ARG A 59 15.97 2.63 22.41
N TYR A 60 15.78 3.93 22.67
CA TYR A 60 14.72 4.70 22.06
C TYR A 60 15.26 5.77 21.12
N ASN A 61 14.47 6.06 20.09
CA ASN A 61 14.65 7.29 19.33
C ASN A 61 14.27 8.43 20.29
N PRO A 62 15.14 9.42 20.53
CA PRO A 62 14.76 10.49 21.46
C PRO A 62 13.48 11.20 21.08
N SER A 63 13.16 11.27 19.79
CA SER A 63 11.91 11.93 19.38
C SER A 63 10.66 11.14 19.78
N PHE A 64 10.80 9.86 20.11
CA PHE A 64 9.68 9.06 20.58
C PHE A 64 9.76 8.72 22.05
N GLN A 65 10.91 8.95 22.69
CA GLN A 65 11.09 8.57 24.09
C GLN A 65 10.06 9.28 24.98
N GLY A 66 9.50 8.54 25.92
CA GLY A 66 8.49 9.10 26.80
C GLY A 66 7.10 9.11 26.18
N LEU A 67 7.04 9.21 24.85
CA LEU A 67 5.75 9.09 24.16
C LEU A 67 5.30 7.65 24.02
N VAL A 68 6.24 6.72 23.85
CA VAL A 68 5.92 5.30 23.75
C VAL A 68 6.79 4.51 24.71
N THR A 69 6.33 3.30 25.01
CA THR A 69 7.04 2.32 25.82
C THR A 69 7.03 0.99 25.08
N ILE A 70 8.20 0.34 25.01
CA ILE A 70 8.33 -0.98 24.41
C ILE A 70 8.59 -2.00 25.52
N SER A 71 7.99 -3.18 25.39
CA SER A 71 8.07 -4.22 26.42
C SER A 71 7.91 -5.59 25.77
N VAL A 72 8.18 -6.64 26.55
CA VAL A 72 8.01 -8.00 26.07
C VAL A 72 7.32 -8.86 27.13
N ASP A 73 6.74 -9.97 26.67
CA ASP A 73 6.28 -11.06 27.52
C ASP A 73 6.94 -12.34 27.00
N LYS A 74 7.98 -12.79 27.70
CA LYS A 74 8.75 -13.93 27.20
C LYS A 74 7.94 -15.20 27.16
N SER A 75 7.00 -15.37 28.11
CA SER A 75 6.23 -16.61 28.20
C SER A 75 5.43 -16.89 26.93
N ILE A 76 5.10 -15.86 26.14
CA ILE A 76 4.40 -16.05 24.87
C ILE A 76 5.18 -15.46 23.70
N THR A 77 6.49 -15.23 23.88
CA THR A 77 7.41 -14.69 22.87
C THR A 77 6.77 -13.54 22.08
N THR A 78 6.32 -12.52 22.82
CA THR A 78 5.57 -11.41 22.25
C THR A 78 6.16 -10.07 22.71
N ALA A 79 6.29 -9.13 21.77
CA ALA A 79 6.76 -7.79 22.06
C ALA A 79 5.61 -6.82 21.90
N TYR A 80 5.70 -5.70 22.61
CA TYR A 80 4.61 -4.73 22.66
C TYR A 80 5.12 -3.32 22.40
N LEU A 81 4.24 -2.47 21.89
CA LEU A 81 4.46 -1.05 21.75
C LEU A 81 3.25 -0.33 22.33
N GLN A 82 3.50 0.64 23.22
CA GLN A 82 2.43 1.27 23.98
C GLN A 82 2.53 2.78 23.94
N TRP A 83 1.40 3.44 23.68
CA TRP A 83 1.29 4.88 23.83
C TRP A 83 0.53 5.19 25.09
N ARG A 84 1.02 6.18 25.86
CA ARG A 84 0.29 6.59 27.04
C ARG A 84 -0.96 7.38 26.67
N SER A 85 -0.84 8.28 25.69
CA SER A 85 -1.96 9.13 25.28
C SER A 85 -1.86 9.39 23.79
N LEU A 86 -2.73 8.74 23.01
CA LEU A 86 -2.68 8.86 21.56
C LEU A 86 -3.02 10.26 21.07
N LYS A 87 -2.34 10.69 20.00
CA LYS A 87 -2.63 11.93 19.32
C LYS A 87 -3.02 11.63 17.89
N ALA A 88 -3.70 12.59 17.26
CA ALA A 88 -4.07 12.45 15.85
C ALA A 88 -2.85 12.11 15.00
N SER A 89 -1.71 12.73 15.31
CA SER A 89 -0.48 12.50 14.56
C SER A 89 0.06 11.08 14.68
N ASP A 90 -0.49 10.27 15.58
CA ASP A 90 -0.03 8.88 15.69
C ASP A 90 -0.71 7.97 14.69
N THR A 91 -1.61 8.50 13.86
CA THR A 91 -2.26 7.70 12.83
C THR A 91 -1.22 7.28 11.78
N ALA A 92 -0.98 5.97 11.66
CA ALA A 92 0.12 5.49 10.83
C ALA A 92 0.10 3.96 10.81
N MET A 93 0.94 3.38 9.95
CA MET A 93 1.23 1.95 10.01
C MET A 93 2.47 1.75 10.88
N TYR A 94 2.44 0.70 11.70
CA TYR A 94 3.53 0.39 12.62
C TYR A 94 4.02 -1.02 12.35
N TYR A 95 5.33 -1.19 12.20
CA TYR A 95 5.93 -2.50 11.98
C TYR A 95 6.80 -2.92 13.16
N CYS A 96 6.79 -4.21 13.47
CA CYS A 96 7.87 -4.74 14.29
C CYS A 96 8.90 -5.41 13.37
N ALA A 97 10.13 -5.51 13.87
CA ALA A 97 11.20 -6.01 13.01
C ALA A 97 12.31 -6.61 13.88
N ARG A 98 13.07 -7.53 13.26
CA ARG A 98 14.07 -8.36 13.93
C ARG A 98 15.37 -8.37 13.13
N PRO A 99 16.53 -8.27 13.78
CA PRO A 99 17.82 -8.30 13.05
C PRO A 99 18.09 -9.65 12.43
N PRO A 100 19.03 -9.74 11.49
CA PRO A 100 19.31 -11.05 10.88
C PRO A 100 19.89 -12.06 11.87
N PHE A 101 20.60 -11.63 12.90
CA PHE A 101 21.28 -12.59 13.79
C PHE A 101 20.98 -12.27 15.25
N SER A 102 21.26 -13.25 16.12
CA SER A 102 21.11 -13.05 17.55
C SER A 102 22.20 -12.12 18.11
N GLY A 103 21.95 -11.59 19.31
CA GLY A 103 22.93 -10.74 19.96
C GLY A 103 22.93 -9.28 19.54
N SER A 104 24.11 -8.70 19.39
CA SER A 104 24.25 -7.26 19.15
C SER A 104 23.43 -6.80 17.95
N TYR A 105 22.88 -5.59 18.07
CA TYR A 105 22.03 -5.02 17.02
C TYR A 105 22.86 -4.67 15.79
N GLU A 106 22.55 -5.29 14.65
CA GLU A 106 23.26 -5.01 13.40
C GLU A 106 22.34 -4.45 12.33
N GLY A 107 21.19 -3.95 12.70
CA GLY A 107 20.20 -3.55 11.71
C GLY A 107 19.05 -4.54 11.69
N LEU A 108 18.22 -4.41 10.65
CA LEU A 108 16.99 -5.19 10.59
C LEU A 108 17.00 -6.18 9.42
N ASP A 109 16.19 -7.22 9.58
CA ASP A 109 15.99 -8.24 8.57
C ASP A 109 14.50 -8.50 8.38
N TYR A 110 13.89 -9.26 9.29
CA TYR A 110 12.51 -9.67 9.16
C TYR A 110 11.57 -8.57 9.64
N TRP A 111 10.47 -8.38 8.92
CA TRP A 111 9.45 -7.39 9.27
C TRP A 111 8.10 -8.05 9.45
N GLY A 112 7.36 -7.61 10.48
CA GLY A 112 5.97 -8.00 10.63
C GLY A 112 5.08 -7.44 9.52
N GLN A 113 3.82 -7.88 9.51
CA GLN A 113 2.96 -7.47 8.40
C GLN A 113 2.35 -6.09 8.62
N GLY A 114 2.57 -5.49 9.78
CA GLY A 114 2.15 -4.12 10.01
C GLY A 114 0.79 -4.05 10.71
N THR A 115 0.63 -3.03 11.54
CA THR A 115 -0.62 -2.76 12.24
C THR A 115 -1.00 -1.33 11.94
N LEU A 116 -2.20 -1.14 11.38
CA LEU A 116 -2.71 0.20 11.07
C LEU A 116 -3.39 0.75 12.32
N VAL A 117 -2.98 1.94 12.73
CA VAL A 117 -3.54 2.62 13.90
C VAL A 117 -4.19 3.90 13.39
N THR A 118 -5.46 4.08 13.70
CA THR A 118 -6.20 5.28 13.33
C THR A 118 -6.66 5.93 14.63
N VAL A 119 -6.33 7.20 14.80
CA VAL A 119 -6.73 7.96 15.99
C VAL A 119 -7.76 8.97 15.53
N SER A 120 -9.00 8.79 15.97
CA SER A 120 -10.09 9.60 15.45
C SER A 120 -11.17 9.78 16.51
N SER A 121 -11.82 10.94 16.48
CA SER A 121 -12.99 11.19 17.30
C SER A 121 -14.27 10.57 16.73
N ALA A 122 -14.26 10.14 15.47
CA ALA A 122 -15.48 9.73 14.78
C ALA A 122 -15.84 8.28 15.06
N SER A 123 -17.14 8.00 15.01
CA SER A 123 -17.59 6.62 15.16
C SER A 123 -17.41 5.84 13.86
N THR A 124 -17.26 4.54 14.01
CA THR A 124 -17.08 3.64 12.88
C THR A 124 -18.37 3.59 12.04
N LYS A 125 -18.19 3.45 10.73
CA LYS A 125 -19.31 3.30 9.80
C LYS A 125 -18.97 2.22 8.79
N GLY A 126 -19.86 1.24 8.64
CA GLY A 126 -19.67 0.17 7.69
C GLY A 126 -20.07 0.58 6.29
N PRO A 127 -19.44 -0.04 5.30
CA PRO A 127 -19.75 0.30 3.90
C PRO A 127 -21.07 -0.26 3.43
N SER A 128 -21.62 0.39 2.39
CA SER A 128 -22.61 -0.21 1.51
C SER A 128 -21.89 -0.73 0.28
N VAL A 129 -22.23 -1.95 -0.16
CA VAL A 129 -21.57 -2.57 -1.30
C VAL A 129 -22.55 -2.59 -2.47
N PHE A 130 -22.15 -2.00 -3.60
CA PHE A 130 -23.01 -1.91 -4.77
C PHE A 130 -22.36 -2.60 -5.96
N PRO A 131 -23.15 -3.20 -6.84
CA PRO A 131 -22.56 -3.92 -7.97
C PRO A 131 -22.18 -2.97 -9.09
N LEU A 132 -21.04 -3.27 -9.73
CA LEU A 132 -20.67 -2.69 -11.01
C LEU A 132 -20.94 -3.78 -12.05
N ALA A 133 -22.09 -3.69 -12.72
CA ALA A 133 -22.55 -4.84 -13.48
C ALA A 133 -22.04 -4.80 -14.92
N PRO A 134 -21.58 -5.96 -15.45
CA PRO A 134 -20.95 -6.08 -16.77
C PRO A 134 -21.93 -5.80 -17.92
N THR A 143 -13.76 -9.57 -23.82
CA THR A 143 -13.50 -9.27 -22.41
C THR A 143 -14.58 -8.36 -21.83
N ALA A 144 -15.17 -8.78 -20.71
CA ALA A 144 -16.12 -7.95 -19.97
C ALA A 144 -15.50 -7.51 -18.66
N ALA A 145 -16.04 -6.43 -18.11
CA ALA A 145 -15.56 -5.89 -16.86
C ALA A 145 -16.71 -5.82 -15.87
N LEU A 146 -16.44 -6.13 -14.61
CA LEU A 146 -17.44 -6.01 -13.57
C LEU A 146 -16.72 -5.80 -12.24
N GLY A 147 -17.49 -5.45 -11.22
CA GLY A 147 -16.87 -5.25 -9.92
C GLY A 147 -17.85 -4.81 -8.87
N CYS A 148 -17.29 -4.29 -7.78
CA CYS A 148 -18.05 -3.85 -6.63
C CYS A 148 -17.56 -2.49 -6.18
N LEU A 149 -18.52 -1.64 -5.85
CA LEU A 149 -18.27 -0.32 -5.26
C LEU A 149 -18.55 -0.42 -3.77
N VAL A 150 -17.53 -0.13 -2.96
CA VAL A 150 -17.59 -0.26 -1.51
C VAL A 150 -17.62 1.17 -0.96
N LYS A 151 -18.81 1.67 -0.62
CA LYS A 151 -19.01 3.10 -0.44
C LYS A 151 -19.26 3.46 1.02
N ASP A 152 -18.65 4.56 1.43
CA ASP A 152 -18.98 5.29 2.66
C ASP A 152 -18.62 4.54 3.93
N TYR A 153 -17.34 4.31 4.17
CA TYR A 153 -16.94 3.64 5.39
C TYR A 153 -15.86 4.42 6.10
N PHE A 154 -15.69 4.10 7.37
CA PHE A 154 -14.66 4.70 8.22
C PHE A 154 -14.48 3.83 9.45
N PRO A 155 -13.26 3.52 9.84
CA PRO A 155 -11.98 3.92 9.26
C PRO A 155 -11.51 2.93 8.21
N GLU A 156 -10.33 3.15 7.65
CA GLU A 156 -9.68 2.09 6.88
C GLU A 156 -9.23 0.99 7.84
N PRO A 157 -9.01 -0.24 7.35
CA PRO A 157 -9.12 -0.72 5.97
C PRO A 157 -10.35 -1.58 5.67
N VAL A 158 -10.61 -1.84 4.40
CA VAL A 158 -11.49 -2.91 3.98
C VAL A 158 -10.66 -3.90 3.17
N THR A 159 -11.09 -5.15 3.19
CA THR A 159 -10.49 -6.13 2.29
C THR A 159 -11.54 -6.56 1.28
N VAL A 160 -11.10 -6.86 0.06
CA VAL A 160 -11.98 -7.37 -0.97
C VAL A 160 -11.27 -8.55 -1.63
N SER A 161 -11.98 -9.66 -1.79
CA SER A 161 -11.52 -10.76 -2.60
C SER A 161 -12.66 -11.15 -3.53
N TRP A 162 -12.37 -12.03 -4.50
CA TRP A 162 -13.36 -12.48 -5.46
C TRP A 162 -13.49 -13.99 -5.38
N ASN A 163 -14.73 -14.48 -5.26
CA ASN A 163 -15.01 -15.91 -5.18
C ASN A 163 -14.13 -16.60 -4.13
N SER A 164 -14.18 -16.05 -2.91
CA SER A 164 -13.44 -16.60 -1.76
C SER A 164 -11.96 -16.78 -2.05
N GLY A 165 -11.41 -15.94 -2.91
CA GLY A 165 -9.99 -16.01 -3.22
C GLY A 165 -9.65 -16.87 -4.42
N ALA A 166 -10.64 -17.52 -5.03
CA ALA A 166 -10.37 -18.40 -6.17
C ALA A 166 -10.13 -17.62 -7.46
N LEU A 167 -10.67 -16.40 -7.56
CA LEU A 167 -10.48 -15.53 -8.72
C LEU A 167 -9.50 -14.43 -8.32
N THR A 168 -8.26 -14.49 -8.84
CA THR A 168 -7.21 -13.52 -8.58
C THR A 168 -6.66 -12.85 -9.83
N SER A 169 -6.63 -13.55 -10.96
CA SER A 169 -6.11 -12.96 -12.19
C SER A 169 -7.08 -11.92 -12.73
N GLY A 170 -6.54 -10.81 -13.20
CA GLY A 170 -7.36 -9.75 -13.75
C GLY A 170 -8.09 -8.89 -12.75
N VAL A 171 -7.90 -9.14 -11.45
CA VAL A 171 -8.53 -8.33 -10.41
C VAL A 171 -7.68 -7.08 -10.17
N HIS A 172 -8.34 -5.93 -10.01
CA HIS A 172 -7.68 -4.72 -9.56
C HIS A 172 -8.50 -4.14 -8.42
N THR A 173 -7.96 -4.12 -7.21
CA THR A 173 -8.64 -3.45 -6.11
C THR A 173 -7.96 -2.10 -5.90
N PHE A 174 -8.71 -1.04 -6.11
CA PHE A 174 -8.16 0.31 -6.14
C PHE A 174 -7.89 0.84 -4.73
N PRO A 175 -6.90 1.72 -4.60
CA PRO A 175 -6.76 2.51 -3.37
C PRO A 175 -8.08 3.20 -3.03
N ALA A 176 -8.39 3.22 -1.74
CA ALA A 176 -9.55 3.97 -1.28
C ALA A 176 -9.36 5.45 -1.57
N VAL A 177 -10.46 6.13 -1.88
CA VAL A 177 -10.46 7.58 -2.01
C VAL A 177 -11.24 8.15 -0.83
N LEU A 178 -10.74 9.23 -0.26
CA LEU A 178 -11.44 9.94 0.81
C LEU A 178 -12.39 10.95 0.17
N GLN A 179 -13.70 10.76 0.40
CA GLN A 179 -14.71 11.61 -0.22
C GLN A 179 -14.90 12.90 0.59
N SER A 180 -15.58 13.87 -0.02
CA SER A 180 -15.82 15.14 0.67
C SER A 180 -16.68 14.97 1.92
N SER A 181 -17.43 13.88 2.02
CA SER A 181 -18.19 13.56 3.22
C SER A 181 -17.32 13.15 4.39
N GLY A 182 -16.01 12.97 4.18
CA GLY A 182 -15.13 12.48 5.23
C GLY A 182 -15.11 10.97 5.37
N LEU A 183 -15.73 10.24 4.48
CA LEU A 183 -15.80 8.78 4.49
C LEU A 183 -15.04 8.23 3.29
N TYR A 184 -14.55 7.00 3.42
CA TYR A 184 -13.82 6.39 2.30
C TYR A 184 -14.75 5.68 1.33
N SER A 185 -14.24 5.47 0.12
CA SER A 185 -14.91 4.68 -0.90
C SER A 185 -13.83 3.97 -1.71
N LEU A 186 -14.12 2.74 -2.16
CA LEU A 186 -13.19 2.09 -3.08
C LEU A 186 -13.96 1.20 -4.03
N SER A 187 -13.30 0.86 -5.13
CA SER A 187 -13.84 -0.04 -6.11
C SER A 187 -12.87 -1.19 -6.33
N SER A 188 -13.44 -2.35 -6.63
CA SER A 188 -12.68 -3.52 -7.03
C SER A 188 -13.30 -4.01 -8.32
N VAL A 189 -12.46 -4.29 -9.30
CA VAL A 189 -12.95 -4.73 -10.60
C VAL A 189 -12.20 -5.98 -11.02
N VAL A 190 -12.78 -6.68 -11.98
CA VAL A 190 -12.12 -7.83 -12.58
C VAL A 190 -12.52 -7.87 -14.05
N THR A 191 -11.58 -8.23 -14.91
CA THR A 191 -11.91 -8.52 -16.30
C THR A 191 -12.01 -10.03 -16.47
N VAL A 192 -13.08 -10.47 -17.13
CA VAL A 192 -13.34 -11.90 -17.33
C VAL A 192 -13.78 -12.11 -18.76
N PRO A 193 -13.55 -13.31 -19.28
CA PRO A 193 -14.04 -13.65 -20.63
C PRO A 193 -15.53 -13.33 -20.80
N SER A 194 -15.84 -12.66 -21.91
CA SER A 194 -17.22 -12.29 -22.21
C SER A 194 -18.10 -13.53 -22.37
N SER A 195 -17.51 -14.66 -22.76
CA SER A 195 -18.31 -15.85 -23.05
C SER A 195 -18.90 -16.46 -21.79
N SER A 196 -18.14 -16.39 -20.69
CA SER A 196 -18.62 -17.03 -19.45
C SER A 196 -19.88 -16.31 -18.96
N LEU A 197 -19.69 -15.25 -18.19
CA LEU A 197 -20.86 -14.50 -17.66
C LEU A 197 -21.98 -15.48 -17.32
N GLN A 200 -20.27 -18.56 -15.50
CA GLN A 200 -19.58 -18.42 -14.22
C GLN A 200 -20.30 -17.45 -13.29
N THR A 201 -20.10 -17.66 -11.99
CA THR A 201 -20.69 -16.84 -10.94
C THR A 201 -19.62 -15.98 -10.28
N TYR A 202 -19.88 -14.69 -10.17
CA TYR A 202 -18.90 -13.72 -9.70
C TYR A 202 -19.38 -13.07 -8.42
N ILE A 203 -18.58 -13.20 -7.36
CA ILE A 203 -18.95 -12.78 -6.01
C ILE A 203 -17.78 -12.02 -5.40
N CYS A 204 -18.02 -10.79 -4.97
CA CYS A 204 -17.00 -10.02 -4.28
C CYS A 204 -17.22 -10.11 -2.77
N ASN A 205 -16.19 -10.51 -2.06
CA ASN A 205 -16.26 -10.69 -0.61
C ASN A 205 -15.64 -9.47 0.05
N VAL A 206 -16.47 -8.67 0.72
CA VAL A 206 -16.04 -7.44 1.38
C VAL A 206 -16.07 -7.64 2.89
N ASN A 207 -14.97 -7.31 3.56
CA ASN A 207 -14.92 -7.34 5.01
C ASN A 207 -14.43 -5.98 5.50
N HIS A 208 -15.22 -5.36 6.39
CA HIS A 208 -14.80 -4.16 7.11
C HIS A 208 -14.82 -4.52 8.58
N LYS A 209 -13.70 -5.03 9.08
CA LYS A 209 -13.64 -5.52 10.45
C LYS A 209 -14.01 -4.47 11.50
N PRO A 210 -13.60 -3.19 11.38
CA PRO A 210 -13.99 -2.22 12.43
C PRO A 210 -15.48 -2.16 12.69
N SER A 211 -16.31 -2.42 11.70
CA SER A 211 -17.76 -2.30 11.85
C SER A 211 -18.47 -3.64 11.84
N ASN A 212 -17.73 -4.74 11.94
CA ASN A 212 -18.28 -6.08 11.78
C ASN A 212 -19.21 -6.15 10.57
N THR A 213 -18.73 -5.64 9.43
CA THR A 213 -19.49 -5.65 8.19
C THR A 213 -18.85 -6.66 7.24
N LYS A 214 -19.63 -7.66 6.82
CA LYS A 214 -19.13 -8.69 5.93
C LYS A 214 -20.19 -8.95 4.88
N VAL A 215 -19.82 -8.85 3.61
CA VAL A 215 -20.79 -8.88 2.51
C VAL A 215 -20.22 -9.73 1.38
N ASP A 216 -21.09 -10.55 0.78
CA ASP A 216 -20.75 -11.36 -0.40
C ASP A 216 -21.78 -11.00 -1.45
N LYS A 217 -21.48 -10.00 -2.28
CA LYS A 217 -22.43 -9.52 -3.27
C LYS A 217 -22.24 -10.29 -4.57
N LYS A 218 -23.33 -10.87 -5.07
CA LYS A 218 -23.29 -11.54 -6.37
C LYS A 218 -23.43 -10.49 -7.45
N VAL A 219 -22.47 -10.46 -8.38
CA VAL A 219 -22.44 -9.46 -9.44
C VAL A 219 -22.90 -10.15 -10.73
N GLU A 220 -24.09 -9.77 -11.20
CA GLU A 220 -24.72 -10.34 -12.38
C GLU A 220 -25.03 -9.27 -13.40
N PRO A 221 -25.10 -9.61 -14.69
CA PRO A 221 -25.54 -8.63 -15.69
C PRO A 221 -27.03 -8.34 -15.61
N ASP B 1 21.65 12.98 14.60
CA ASP B 1 21.30 11.78 13.85
C ASP B 1 22.00 11.76 12.50
N ILE B 2 22.17 10.55 11.97
CA ILE B 2 22.77 10.39 10.66
C ILE B 2 21.69 10.57 9.61
N VAL B 3 22.00 11.36 8.57
CA VAL B 3 21.09 11.59 7.45
C VAL B 3 21.50 10.68 6.31
N MET B 4 20.53 9.92 5.80
CA MET B 4 20.72 9.04 4.65
C MET B 4 20.10 9.71 3.43
N THR B 5 20.91 9.95 2.40
CA THR B 5 20.45 10.56 1.15
C THR B 5 20.46 9.50 0.06
N GLN B 6 19.29 9.20 -0.48
CA GLN B 6 19.19 8.28 -1.59
C GLN B 6 19.04 9.06 -2.90
N SER B 7 19.60 8.51 -3.98
CA SER B 7 19.38 9.09 -5.29
C SER B 7 19.45 8.01 -6.35
N PRO B 8 18.60 8.09 -7.38
CA PRO B 8 17.57 9.11 -7.59
C PRO B 8 16.38 8.77 -6.72
N LEU B 9 15.41 9.66 -6.50
CA LEU B 9 14.22 9.25 -5.77
C LEU B 9 13.23 8.50 -6.66
N SER B 10 13.35 8.66 -7.97
CA SER B 10 12.53 7.95 -8.95
C SER B 10 13.46 7.38 -10.01
N LEU B 11 13.28 6.10 -10.33
CA LEU B 11 14.23 5.41 -11.20
C LEU B 11 13.48 4.61 -12.26
N PRO B 12 13.34 5.14 -13.47
CA PRO B 12 12.81 4.34 -14.58
C PRO B 12 13.84 3.38 -15.13
N VAL B 13 13.43 2.15 -15.40
CA VAL B 13 14.34 1.15 -15.95
C VAL B 13 13.54 0.09 -16.69
N THR B 14 14.19 -0.55 -17.69
CA THR B 14 13.62 -1.55 -18.60
C THR B 14 14.05 -2.95 -18.21
N PRO B 15 13.14 -3.93 -18.10
CA PRO B 15 13.54 -5.29 -17.75
C PRO B 15 14.65 -5.82 -18.65
N GLY B 16 15.59 -6.54 -18.04
CA GLY B 16 16.80 -6.94 -18.71
C GLY B 16 17.96 -5.99 -18.52
N GLU B 17 17.68 -4.70 -18.34
CA GLU B 17 18.76 -3.73 -18.20
C GLU B 17 19.23 -3.62 -16.75
N PRO B 18 20.48 -3.21 -16.54
CA PRO B 18 20.97 -2.97 -15.18
C PRO B 18 20.41 -1.68 -14.59
N ALA B 19 20.39 -1.65 -13.26
CA ALA B 19 19.93 -0.49 -12.50
C ALA B 19 20.73 -0.42 -11.22
N SER B 20 20.91 0.79 -10.71
CA SER B 20 21.74 1.00 -9.52
C SER B 20 21.24 2.22 -8.75
N ILE B 21 21.24 2.11 -7.41
CA ILE B 21 20.74 3.15 -6.51
C ILE B 21 21.85 3.57 -5.56
N SER B 22 21.97 4.87 -5.33
CA SER B 22 22.99 5.45 -4.45
C SER B 22 22.39 5.80 -3.10
N CYS B 23 23.16 5.53 -2.04
CA CYS B 23 22.79 5.89 -0.67
C CYS B 23 24.01 6.51 0.00
N LYS B 24 23.91 7.79 0.36
CA LYS B 24 25.03 8.53 0.92
C LYS B 24 24.69 8.93 2.35
N SER B 25 25.55 8.55 3.28
CA SER B 25 25.34 8.89 4.68
C SER B 25 26.16 10.12 5.07
N SER B 26 25.60 10.90 6.00
CA SER B 26 26.31 12.07 6.50
C SER B 26 27.49 11.69 7.38
N HIS B 27 27.52 10.47 7.89
CA HIS B 27 28.55 10.02 8.81
C HIS B 27 28.98 8.61 8.42
N SER B 28 30.22 8.27 8.74
CA SER B 28 30.73 6.96 8.37
C SER B 28 29.95 5.86 9.06
N LEU B 29 29.61 4.84 8.29
CA LEU B 29 28.93 3.66 8.81
C LEU B 29 29.91 2.52 9.06
N LEU B 30 31.21 2.80 8.99
CA LEU B 30 32.23 1.76 9.12
C LEU B 30 32.53 1.58 10.61
N HIS B 31 32.20 0.40 11.13
CA HIS B 31 32.41 0.08 12.53
C HIS B 31 33.89 -0.22 12.76
N SER B 32 34.36 0.00 14.00
CA SER B 32 35.71 -0.41 14.39
C SER B 32 35.99 -1.85 14.06
N ASN B 33 34.97 -2.70 14.08
CA ASN B 33 35.15 -4.11 13.78
C ASN B 33 35.25 -4.40 12.28
N GLY B 34 35.20 -3.38 11.42
CA GLY B 34 35.47 -3.55 10.01
C GLY B 34 34.24 -3.65 9.12
N ASN B 35 33.05 -3.75 9.69
CA ASN B 35 31.82 -3.87 8.92
C ASN B 35 31.11 -2.53 8.80
N ASN B 36 30.44 -2.35 7.67
CA ASN B 36 29.63 -1.18 7.39
C ASN B 36 28.18 -1.51 7.72
N TYR B 37 27.57 -0.74 8.63
CA TYR B 37 26.26 -1.09 9.15
C TYR B 37 25.19 -0.41 8.29
N LEU B 38 25.07 -0.93 7.08
CA LEU B 38 24.14 -0.41 6.06
C LEU B 38 23.41 -1.60 5.46
N ASN B 39 22.06 -1.59 5.55
CA ASN B 39 21.22 -2.62 4.95
C ASN B 39 20.32 -1.99 3.91
N TRP B 40 19.95 -2.80 2.92
CA TRP B 40 19.05 -2.41 1.83
C TRP B 40 17.78 -3.23 1.90
N PHE B 41 16.63 -2.57 1.67
CA PHE B 41 15.32 -3.21 1.72
C PHE B 41 14.51 -2.86 0.48
N LEU B 42 13.63 -3.78 0.08
CA LEU B 42 12.62 -3.51 -0.94
C LEU B 42 11.25 -3.60 -0.29
N GLN B 43 10.41 -2.58 -0.51
CA GLN B 43 9.03 -2.61 -0.04
C GLN B 43 8.11 -2.58 -1.25
N LYS B 44 7.45 -3.70 -1.52
CA LYS B 44 6.53 -3.79 -2.63
C LYS B 44 5.16 -3.28 -2.22
N PRO B 45 4.34 -2.84 -3.18
CA PRO B 45 3.05 -2.23 -2.81
C PRO B 45 2.21 -3.15 -1.95
N GLY B 46 1.70 -2.61 -0.84
CA GLY B 46 0.85 -3.36 0.06
C GLY B 46 1.56 -4.38 0.91
N ARG B 47 2.90 -4.38 0.93
CA ARG B 47 3.67 -5.34 1.70
C ARG B 47 4.63 -4.63 2.64
N SER B 48 5.19 -5.40 3.57
CA SER B 48 6.22 -4.93 4.48
C SER B 48 7.58 -4.94 3.79
N PRO B 49 8.54 -4.14 4.27
CA PRO B 49 9.89 -4.19 3.69
C PRO B 49 10.48 -5.59 3.80
N GLN B 50 11.36 -5.91 2.85
CA GLN B 50 12.05 -7.21 2.81
C GLN B 50 13.53 -6.95 2.62
N LEU B 51 14.36 -7.65 3.39
CA LEU B 51 15.79 -7.44 3.33
C LEU B 51 16.34 -7.93 2.00
N LEU B 52 17.19 -7.11 1.39
CA LEU B 52 17.95 -7.48 0.20
C LEU B 52 19.42 -7.69 0.52
N ILE B 53 20.06 -6.69 1.13
CA ILE B 53 21.50 -6.70 1.43
C ILE B 53 21.68 -6.26 2.88
N TYR B 54 22.56 -6.96 3.61
CA TYR B 54 22.89 -6.52 4.96
C TYR B 54 24.40 -6.33 5.09
N LEU B 55 24.78 -5.46 6.03
CA LEU B 55 26.18 -5.15 6.32
C LEU B 55 26.95 -4.79 5.06
N GLY B 56 26.35 -3.87 4.28
CA GLY B 56 27.00 -3.35 3.09
C GLY B 56 26.88 -4.22 1.85
N SER B 57 27.30 -5.49 1.92
CA SER B 57 27.45 -6.28 0.70
C SER B 57 27.03 -7.75 0.81
N SER B 58 26.46 -8.19 1.92
CA SER B 58 26.01 -9.58 2.02
C SER B 58 24.59 -9.71 1.47
N ARG B 59 24.43 -10.54 0.45
CA ARG B 59 23.09 -10.80 -0.05
C ARG B 59 22.31 -11.64 0.95
N ALA B 60 21.09 -11.22 1.26
CA ALA B 60 20.29 -11.98 2.20
C ALA B 60 19.82 -13.29 1.57
N SER B 61 19.46 -14.24 2.43
CA SER B 61 19.02 -15.54 1.97
C SER B 61 17.76 -15.43 1.15
N GLY B 62 17.74 -16.10 -0.01
CA GLY B 62 16.59 -16.09 -0.88
C GLY B 62 16.53 -14.95 -1.88
N VAL B 63 17.35 -13.92 -1.71
CA VAL B 63 17.35 -12.81 -2.68
C VAL B 63 18.03 -13.28 -3.96
N PRO B 64 17.45 -13.03 -5.13
CA PRO B 64 18.09 -13.45 -6.39
C PRO B 64 19.45 -12.78 -6.55
N ASP B 65 20.40 -13.51 -7.12
CA ASP B 65 21.76 -12.96 -7.13
C ASP B 65 21.93 -11.81 -8.13
N ARG B 66 20.87 -11.39 -8.84
CA ARG B 66 20.97 -10.14 -9.59
C ARG B 66 21.06 -8.92 -8.67
N PHE B 67 20.71 -9.06 -7.39
CA PHE B 67 20.90 -7.99 -6.42
C PHE B 67 22.28 -8.11 -5.79
N SER B 68 22.97 -6.98 -5.71
CA SER B 68 24.25 -6.94 -5.02
C SER B 68 24.39 -5.58 -4.38
N GLY B 69 25.18 -5.51 -3.31
CA GLY B 69 25.50 -4.25 -2.68
C GLY B 69 27.00 -4.08 -2.54
N SER B 70 27.43 -2.83 -2.59
CA SER B 70 28.82 -2.50 -2.35
C SER B 70 28.91 -1.10 -1.75
N GLY B 71 30.11 -0.73 -1.36
CA GLY B 71 30.36 0.55 -0.73
C GLY B 71 31.02 0.37 0.62
N SER B 72 31.48 1.50 1.16
CA SER B 72 32.15 1.54 2.46
C SER B 72 32.26 2.98 2.89
N GLY B 73 32.22 3.19 4.20
CA GLY B 73 32.31 4.53 4.73
C GLY B 73 30.98 5.23 4.64
N THR B 74 30.86 6.18 3.70
CA THR B 74 29.65 6.96 3.55
C THR B 74 28.93 6.78 2.22
N ASP B 75 29.54 6.13 1.22
CA ASP B 75 28.93 5.96 -0.10
C ASP B 75 28.61 4.50 -0.34
N PHE B 76 27.34 4.19 -0.59
CA PHE B 76 26.91 2.82 -0.81
C PHE B 76 26.06 2.72 -2.07
N THR B 77 26.07 1.55 -2.69
CA THR B 77 25.30 1.36 -3.91
C THR B 77 24.62 0.00 -3.90
N LEU B 78 23.33 0.01 -4.19
CA LEU B 78 22.58 -1.19 -4.53
C LEU B 78 22.57 -1.29 -6.04
N LYS B 79 22.83 -2.47 -6.58
CA LYS B 79 22.88 -2.68 -8.02
C LYS B 79 22.02 -3.88 -8.35
N ILE B 80 21.10 -3.70 -9.30
CA ILE B 80 20.39 -4.82 -9.92
C ILE B 80 21.04 -5.08 -11.28
N SER B 81 21.47 -6.33 -11.50
CA SER B 81 22.22 -6.59 -12.74
C SER B 81 21.31 -6.66 -13.96
N ARG B 82 20.17 -7.35 -13.84
CA ARG B 82 19.17 -7.48 -14.91
C ARG B 82 17.79 -7.31 -14.27
N VAL B 83 17.23 -6.10 -14.38
CA VAL B 83 15.92 -5.82 -13.79
C VAL B 83 14.85 -6.75 -14.34
N GLU B 84 13.95 -7.19 -13.46
CA GLU B 84 12.76 -7.91 -13.85
C GLU B 84 11.54 -7.03 -13.62
N ALA B 85 10.43 -7.40 -14.28
CA ALA B 85 9.17 -6.70 -14.05
C ALA B 85 8.79 -6.70 -12.57
N GLU B 86 9.08 -7.79 -11.86
CA GLU B 86 8.64 -7.96 -10.49
C GLU B 86 9.41 -7.08 -9.52
N ASP B 87 10.44 -6.38 -9.97
CA ASP B 87 11.25 -5.55 -9.08
C ASP B 87 10.63 -4.19 -8.78
N VAL B 88 9.44 -3.90 -9.31
CA VAL B 88 8.83 -2.60 -9.04
C VAL B 88 8.54 -2.48 -7.55
N GLY B 89 8.72 -1.28 -7.02
CA GLY B 89 8.52 -1.03 -5.61
C GLY B 89 9.45 0.06 -5.13
N SER B 90 9.51 0.25 -3.82
CA SER B 90 10.37 1.28 -3.24
C SER B 90 11.54 0.63 -2.51
N TYR B 91 12.73 1.20 -2.66
CA TYR B 91 13.95 0.65 -2.09
C TYR B 91 14.49 1.63 -1.06
N TYR B 92 14.91 1.10 0.10
CA TYR B 92 15.34 1.89 1.23
C TYR B 92 16.68 1.38 1.73
N CYS B 93 17.55 2.30 2.11
CA CYS B 93 18.72 1.96 2.89
C CYS B 93 18.47 2.36 4.33
N MET B 94 19.15 1.68 5.25
CA MET B 94 19.04 1.97 6.68
C MET B 94 20.41 1.83 7.30
N GLN B 95 20.81 2.78 8.13
CA GLN B 95 22.04 2.70 8.90
C GLN B 95 21.75 2.21 10.31
N ALA B 96 22.66 1.41 10.84
CA ALA B 96 22.55 0.87 12.19
C ALA B 96 23.87 1.04 12.95
N ILE B 97 24.60 2.13 12.69
CA ILE B 97 25.80 2.44 13.47
C ILE B 97 25.51 3.39 14.63
N HIS B 98 24.43 4.18 14.56
CA HIS B 98 24.14 5.20 15.55
C HIS B 98 22.67 5.14 15.90
N ILE B 99 22.38 5.13 17.20
CA ILE B 99 21.00 5.25 17.67
C ILE B 99 20.58 6.71 17.61
N PRO B 100 19.45 7.02 16.97
CA PRO B 100 18.45 6.12 16.41
C PRO B 100 18.79 5.64 14.99
N SER B 101 18.46 4.40 14.63
CA SER B 101 18.58 3.98 13.23
C SER B 101 17.79 4.94 12.34
N THR B 102 18.31 5.20 11.14
CA THR B 102 17.64 6.09 10.21
C THR B 102 17.66 5.50 8.82
N PHE B 103 16.65 5.85 8.02
CA PHE B 103 16.43 5.31 6.70
C PHE B 103 16.62 6.41 5.65
N GLY B 104 17.02 6.01 4.45
CA GLY B 104 16.87 6.88 3.30
C GLY B 104 15.41 7.15 3.00
N GLN B 105 15.16 8.14 2.16
CA GLN B 105 13.78 8.52 1.89
C GLN B 105 13.06 7.54 0.96
N GLY B 106 13.78 6.66 0.29
CA GLY B 106 13.16 5.67 -0.57
C GLY B 106 13.34 6.04 -2.03
N THR B 107 13.66 5.05 -2.84
CA THR B 107 13.75 5.21 -4.29
C THR B 107 12.67 4.35 -4.93
N LYS B 108 11.80 5.01 -5.70
CA LYS B 108 10.70 4.32 -6.36
C LYS B 108 11.18 3.89 -7.74
N VAL B 109 11.24 2.58 -7.96
CA VAL B 109 11.66 2.03 -9.24
C VAL B 109 10.41 1.85 -10.11
N GLN B 110 10.41 2.48 -11.28
CA GLN B 110 9.29 2.40 -12.21
C GLN B 110 9.73 1.57 -13.41
N ILE B 111 8.93 0.59 -13.80
CA ILE B 111 9.32 -0.37 -14.83
C ILE B 111 8.83 0.15 -16.18
N THR B 112 9.77 0.32 -17.11
CA THR B 112 9.44 0.88 -18.42
C THR B 112 8.90 -0.24 -19.32
N ARG B 113 7.79 0.02 -19.99
CA ARG B 113 7.26 -0.92 -20.98
C ARG B 113 6.74 -0.11 -22.16
N THR B 114 6.30 -0.81 -23.20
CA THR B 114 5.72 -0.12 -24.34
C THR B 114 4.38 0.53 -23.99
N VAL B 115 4.06 1.60 -24.72
CA VAL B 115 2.77 2.25 -24.57
C VAL B 115 1.66 1.22 -24.78
N ALA B 116 0.59 1.37 -23.99
CA ALA B 116 -0.53 0.44 -24.02
C ALA B 116 -1.79 1.24 -23.80
N ALA B 117 -2.77 1.09 -24.69
CA ALA B 117 -4.00 1.86 -24.56
C ALA B 117 -4.89 1.26 -23.47
N PRO B 118 -5.66 2.09 -22.77
CA PRO B 118 -6.62 1.54 -21.82
C PRO B 118 -7.83 0.94 -22.53
N SER B 119 -8.32 -0.16 -21.99
CA SER B 119 -9.69 -0.57 -22.25
C SER B 119 -10.62 0.18 -21.32
N VAL B 120 -11.65 0.82 -21.87
CA VAL B 120 -12.51 1.70 -21.11
C VAL B 120 -13.88 1.06 -20.94
N PHE B 121 -14.41 1.15 -19.72
CA PHE B 121 -15.70 0.61 -19.35
C PHE B 121 -16.42 1.63 -18.49
N ILE B 122 -17.73 1.82 -18.75
CA ILE B 122 -18.53 2.74 -17.96
C ILE B 122 -19.63 1.94 -17.27
N PHE B 123 -19.95 2.33 -16.04
CA PHE B 123 -20.91 1.61 -15.21
C PHE B 123 -21.93 2.62 -14.69
N PRO B 124 -23.20 2.48 -15.04
CA PRO B 124 -24.22 3.34 -14.44
C PRO B 124 -24.39 2.98 -12.97
N PRO B 125 -25.03 3.85 -12.18
CA PRO B 125 -25.30 3.50 -10.78
C PRO B 125 -26.25 2.33 -10.69
N SER B 126 -26.12 1.57 -9.61
CA SER B 126 -27.00 0.42 -9.39
C SER B 126 -28.38 0.89 -8.94
N ASP B 127 -29.38 0.06 -9.20
CA ASP B 127 -30.71 0.36 -8.70
C ASP B 127 -30.72 0.44 -7.18
N GLU B 128 -29.94 -0.41 -6.50
CA GLU B 128 -29.88 -0.39 -5.05
C GLU B 128 -29.42 0.97 -4.53
N GLN B 129 -28.36 1.52 -5.13
CA GLN B 129 -27.85 2.81 -4.67
C GLN B 129 -28.82 3.93 -4.98
N LEU B 130 -29.45 3.89 -6.15
CA LEU B 130 -30.38 4.96 -6.53
C LEU B 130 -31.54 5.05 -5.55
N LYS B 131 -31.92 3.92 -4.92
CA LYS B 131 -32.90 3.98 -3.83
C LYS B 131 -32.53 5.05 -2.82
N SER B 132 -31.27 5.05 -2.40
CA SER B 132 -30.78 5.86 -1.29
C SER B 132 -30.48 7.29 -1.66
N GLY B 133 -30.74 7.71 -2.89
CA GLY B 133 -30.68 9.12 -3.22
C GLY B 133 -29.35 9.64 -3.73
N THR B 134 -28.35 8.77 -3.92
CA THR B 134 -27.09 9.17 -4.54
C THR B 134 -26.84 8.31 -5.76
N ALA B 135 -26.14 8.87 -6.75
CA ALA B 135 -25.76 8.13 -7.95
C ALA B 135 -24.26 8.20 -8.12
N SER B 136 -23.61 7.04 -8.13
CA SER B 136 -22.19 6.93 -8.45
C SER B 136 -22.06 6.33 -9.84
N VAL B 137 -21.47 7.09 -10.77
CA VAL B 137 -21.15 6.61 -12.11
C VAL B 137 -19.65 6.36 -12.14
N VAL B 138 -19.24 5.18 -12.60
CA VAL B 138 -17.84 4.76 -12.54
C VAL B 138 -17.32 4.52 -13.95
N CYS B 139 -16.13 5.05 -14.24
CA CYS B 139 -15.44 4.80 -15.49
C CYS B 139 -14.12 4.09 -15.19
N LEU B 140 -13.89 2.95 -15.83
CA LEU B 140 -12.70 2.15 -15.59
C LEU B 140 -11.77 2.24 -16.79
N LEU B 141 -10.49 2.55 -16.54
CA LEU B 141 -9.44 2.53 -17.56
C LEU B 141 -8.52 1.40 -17.16
N ASN B 142 -8.49 0.33 -17.96
CA ASN B 142 -7.82 -0.90 -17.54
C ASN B 142 -6.53 -1.12 -18.32
N ASN B 143 -5.48 -1.46 -17.59
CA ASN B 143 -4.22 -2.00 -18.12
C ASN B 143 -3.60 -1.09 -19.19
N PHE B 144 -3.23 0.12 -18.79
CA PHE B 144 -2.61 1.06 -19.72
C PHE B 144 -1.20 1.46 -19.27
N TYR B 145 -0.49 2.13 -20.17
CA TYR B 145 0.88 2.58 -19.91
C TYR B 145 1.21 3.64 -20.97
N PRO B 146 1.77 4.79 -20.58
CA PRO B 146 2.21 5.21 -19.24
C PRO B 146 1.07 5.68 -18.34
N ARG B 147 1.41 6.20 -17.14
CA ARG B 147 0.40 6.46 -16.13
C ARG B 147 -0.47 7.66 -16.47
N GLU B 148 0.09 8.65 -17.18
CA GLU B 148 -0.66 9.86 -17.49
C GLU B 148 -1.88 9.53 -18.33
N ALA B 149 -3.05 9.96 -17.86
CA ALA B 149 -4.30 9.72 -18.56
C ALA B 149 -5.27 10.80 -18.11
N LYS B 150 -6.12 11.25 -19.02
CA LYS B 150 -7.10 12.27 -18.72
C LYS B 150 -8.50 11.69 -18.87
N VAL B 151 -9.31 11.79 -17.82
CA VAL B 151 -10.71 11.39 -17.86
C VAL B 151 -11.57 12.63 -17.77
N GLN B 152 -12.50 12.78 -18.72
CA GLN B 152 -13.40 13.92 -18.83
C GLN B 152 -14.82 13.40 -18.78
N TRP B 153 -15.57 13.83 -17.76
CA TRP B 153 -16.97 13.43 -17.63
C TRP B 153 -17.86 14.43 -18.37
N LYS B 154 -18.87 13.91 -19.07
CA LYS B 154 -19.83 14.76 -19.77
C LYS B 154 -21.24 14.28 -19.49
N VAL B 155 -22.11 15.19 -19.06
CA VAL B 155 -23.51 14.90 -18.79
C VAL B 155 -24.33 15.76 -19.75
N ASP B 156 -25.12 15.12 -20.62
CA ASP B 156 -25.80 15.81 -21.72
C ASP B 156 -24.84 16.72 -22.48
N ASN B 157 -23.62 16.21 -22.69
CA ASN B 157 -22.52 16.90 -23.34
C ASN B 157 -22.03 18.12 -22.57
N ALA B 158 -22.46 18.32 -21.32
CA ALA B 158 -21.91 19.37 -20.48
C ALA B 158 -20.69 18.86 -19.73
N LEU B 159 -19.58 19.61 -19.83
CA LEU B 159 -18.35 19.29 -19.13
C LEU B 159 -18.52 19.40 -17.62
N GLN B 160 -18.23 18.30 -16.92
CA GLN B 160 -18.30 18.27 -15.46
C GLN B 160 -16.98 18.70 -14.83
N SER B 161 -17.06 19.35 -13.68
CA SER B 161 -15.88 19.59 -12.87
C SER B 161 -16.28 19.72 -11.40
N GLY B 162 -15.38 19.30 -10.53
CA GLY B 162 -15.61 19.38 -9.10
C GLY B 162 -16.48 18.30 -8.53
N ASN B 163 -16.93 17.33 -9.33
CA ASN B 163 -17.79 16.27 -8.81
C ASN B 163 -17.28 14.88 -9.17
N SER B 164 -15.96 14.74 -9.35
CA SER B 164 -15.42 13.39 -9.60
C SER B 164 -14.13 13.18 -8.82
N GLN B 165 -13.79 11.91 -8.59
CA GLN B 165 -12.53 11.57 -7.97
C GLN B 165 -11.95 10.34 -8.67
N GLU B 166 -10.63 10.24 -8.64
CA GLU B 166 -9.87 9.21 -9.35
C GLU B 166 -9.02 8.42 -8.37
N SER B 167 -8.79 7.16 -8.68
CA SER B 167 -7.88 6.30 -7.93
C SER B 167 -7.10 5.46 -8.95
N VAL B 168 -5.80 5.24 -8.69
CA VAL B 168 -4.93 4.55 -9.66
C VAL B 168 -4.21 3.42 -8.95
N THR B 169 -4.12 2.25 -9.60
CA THR B 169 -3.41 1.15 -8.98
C THR B 169 -1.90 1.37 -9.12
N GLU B 170 -1.14 0.59 -8.34
CA GLU B 170 0.29 0.51 -8.54
C GLU B 170 0.59 -0.29 -9.79
N GLN B 171 1.80 -0.08 -10.34
CA GLN B 171 2.24 -0.84 -11.49
C GLN B 171 2.13 -2.35 -11.26
N ASP B 172 1.51 -3.03 -12.21
CA ASP B 172 1.38 -4.48 -12.09
C ASP B 172 2.74 -5.16 -12.14
N SER B 173 2.91 -6.17 -11.29
CA SER B 173 4.21 -6.84 -11.16
C SER B 173 4.53 -7.73 -12.37
N LYS B 174 3.53 -8.09 -13.18
CA LYS B 174 3.78 -8.94 -14.34
C LYS B 174 3.80 -8.16 -15.65
N ASP B 175 2.79 -7.32 -15.91
CA ASP B 175 2.74 -6.63 -17.19
C ASP B 175 3.05 -5.15 -17.10
N SER B 176 3.33 -4.62 -15.92
CA SER B 176 3.86 -3.26 -15.73
C SER B 176 2.87 -2.18 -16.16
N THR B 177 1.58 -2.50 -16.21
CA THR B 177 0.57 -1.51 -16.54
C THR B 177 -0.06 -0.91 -15.29
N TYR B 178 -0.87 0.13 -15.51
CA TYR B 178 -1.70 0.76 -14.49
C TYR B 178 -3.17 0.60 -14.85
N SER B 179 -4.03 0.74 -13.85
CA SER B 179 -5.46 0.88 -14.07
C SER B 179 -5.97 2.06 -13.24
N LEU B 180 -7.08 2.64 -13.69
CA LEU B 180 -7.58 3.84 -13.07
C LEU B 180 -9.10 3.74 -13.02
N SER B 181 -9.68 4.21 -11.92
CA SER B 181 -11.13 4.36 -11.84
C SER B 181 -11.45 5.82 -11.56
N SER B 182 -12.47 6.33 -12.24
CA SER B 182 -13.00 7.66 -11.98
C SER B 182 -14.46 7.48 -11.58
N THR B 183 -14.86 8.12 -10.49
CA THR B 183 -16.23 8.06 -9.99
C THR B 183 -16.83 9.46 -10.03
N LEU B 184 -17.94 9.59 -10.76
CA LEU B 184 -18.73 10.80 -10.82
C LEU B 184 -19.90 10.62 -9.85
N THR B 185 -20.06 11.55 -8.91
CA THR B 185 -21.09 11.42 -7.87
C THR B 185 -22.09 12.55 -8.03
N LEU B 186 -23.38 12.18 -8.14
CA LEU B 186 -24.50 13.12 -8.25
C LEU B 186 -25.62 12.68 -7.31
N SER B 187 -26.44 13.63 -6.90
CA SER B 187 -27.65 13.28 -6.19
C SER B 187 -28.62 12.59 -7.16
N LYS B 188 -29.46 11.71 -6.61
CA LYS B 188 -30.48 11.08 -7.43
C LYS B 188 -31.29 12.11 -8.20
N ALA B 189 -31.56 13.26 -7.57
CA ALA B 189 -32.30 14.32 -8.24
C ALA B 189 -31.56 14.83 -9.46
N ASP B 190 -30.27 15.11 -9.33
CA ASP B 190 -29.48 15.59 -10.47
C ASP B 190 -29.31 14.51 -11.53
N TYR B 191 -29.13 13.26 -11.09
CA TYR B 191 -28.91 12.17 -12.04
C TYR B 191 -30.13 11.98 -12.95
N GLU B 192 -31.33 12.20 -12.42
CA GLU B 192 -32.56 11.96 -13.17
C GLU B 192 -32.95 13.13 -14.05
N LYS B 193 -32.30 14.29 -13.92
CA LYS B 193 -32.50 15.43 -14.80
C LYS B 193 -31.80 15.29 -16.14
N HIS B 194 -31.06 14.21 -16.39
CA HIS B 194 -30.23 14.13 -17.59
C HIS B 194 -30.28 12.72 -18.16
N LYS B 195 -29.86 12.58 -19.42
CA LYS B 195 -29.95 11.33 -20.14
C LYS B 195 -28.62 10.69 -20.45
N VAL B 196 -27.69 11.40 -21.09
CA VAL B 196 -26.48 10.77 -21.60
C VAL B 196 -25.32 11.05 -20.66
N TYR B 197 -24.72 9.99 -20.15
CA TYR B 197 -23.58 10.07 -19.25
C TYR B 197 -22.40 9.43 -19.96
N ALA B 198 -21.29 10.16 -20.03
CA ALA B 198 -20.16 9.77 -20.85
C ALA B 198 -18.86 10.11 -20.12
N CYS B 199 -17.87 9.22 -20.26
CA CYS B 199 -16.51 9.55 -19.87
C CYS B 199 -15.64 9.46 -21.10
N GLU B 200 -14.89 10.53 -21.36
CA GLU B 200 -13.99 10.63 -22.49
C GLU B 200 -12.56 10.48 -21.98
N VAL B 201 -11.79 9.61 -22.61
CA VAL B 201 -10.45 9.25 -22.13
C VAL B 201 -9.42 9.67 -23.17
N THR B 202 -8.42 10.43 -22.73
CA THR B 202 -7.29 10.83 -23.55
C THR B 202 -6.04 10.13 -23.02
N HIS B 203 -5.26 9.53 -23.92
CA HIS B 203 -4.08 8.79 -23.51
C HIS B 203 -3.15 8.61 -24.72
N GLN B 204 -1.86 8.51 -24.42
CA GLN B 204 -0.86 8.36 -25.49
C GLN B 204 -1.15 7.18 -26.40
N GLY B 205 -1.69 6.09 -25.87
CA GLY B 205 -1.96 4.91 -26.68
C GLY B 205 -3.16 5.02 -27.58
N LEU B 206 -3.91 6.12 -27.49
CA LEU B 206 -5.12 6.33 -28.29
C LEU B 206 -4.83 7.37 -29.36
N SER B 207 -5.19 7.05 -30.61
CA SER B 207 -5.00 8.02 -31.69
C SER B 207 -5.89 9.25 -31.51
N SER B 208 -7.09 9.05 -30.97
CA SER B 208 -8.04 10.09 -30.63
C SER B 208 -8.69 9.70 -29.31
N PRO B 209 -9.27 10.66 -28.59
CA PRO B 209 -9.96 10.30 -27.34
C PRO B 209 -11.08 9.30 -27.57
N VAL B 210 -11.27 8.42 -26.60
CA VAL B 210 -12.27 7.35 -26.65
C VAL B 210 -13.35 7.69 -25.65
N THR B 211 -14.62 7.54 -26.07
CA THR B 211 -15.77 7.88 -25.22
C THR B 211 -16.61 6.63 -25.05
N LYS B 212 -16.85 6.24 -23.80
CA LYS B 212 -17.88 5.27 -23.45
C LYS B 212 -19.05 6.01 -22.80
N SER B 213 -20.28 5.63 -23.15
CA SER B 213 -21.42 6.34 -22.59
C SER B 213 -22.62 5.40 -22.50
N PHE B 214 -23.62 5.85 -21.75
CA PHE B 214 -24.90 5.16 -21.69
C PHE B 214 -25.99 6.21 -21.61
N ASN B 215 -27.22 5.80 -21.94
CA ASN B 215 -28.41 6.61 -21.72
C ASN B 215 -29.10 6.12 -20.45
N ARG B 216 -29.36 7.04 -19.53
CA ARG B 216 -30.00 6.68 -18.28
C ARG B 216 -31.31 5.94 -18.54
N GLY B 217 -31.48 4.80 -17.86
CA GLY B 217 -32.71 4.03 -17.92
C GLY B 217 -32.83 3.08 -19.09
N GLU B 218 -31.93 3.15 -20.07
CA GLU B 218 -32.01 2.34 -21.29
C GLU B 218 -30.93 1.28 -21.29
N CYS B 219 -31.32 0.02 -21.44
CA CYS B 219 -30.39 -1.08 -21.61
C CYS B 219 -31.14 -2.33 -22.09
C1 MAN C . 10.80 -12.19 -4.88
C2 MAN C . 10.32 -11.26 -3.75
C3 MAN C . 11.34 -10.21 -3.27
C4 MAN C . 12.44 -9.96 -4.30
C5 MAN C . 11.84 -10.26 -5.66
C6 MAN C . 12.66 -9.64 -6.77
O1 MAN C . 9.65 -12.58 -5.58
O2 MAN C . 9.92 -12.11 -2.71
O3 MAN C . 11.92 -10.62 -2.05
O4 MAN C . 12.86 -8.62 -4.19
O5 MAN C . 11.74 -11.66 -5.75
O6 MAN C . 11.94 -8.50 -7.17
#